data_8JI4
#
_entry.id   8JI4
#
_cell.length_a   65.417
_cell.length_b   65.417
_cell.length_c   116.617
_cell.angle_alpha   90.00
_cell.angle_beta   90.00
_cell.angle_gamma   90.00
#
_symmetry.space_group_name_H-M   'P 41'
#
loop_
_entity.id
_entity.type
_entity.pdbx_description
1 polymer AetD
2 non-polymer 'FE (II) ION'
3 non-polymer 5-bromo-L-tryptophan
4 non-polymer 'NICKEL (II) ION'
5 non-polymer 2-AMINO-2-HYDROXYMETHYL-PROPANE-1,3-DIOL
6 water water
#
_entity_poly.entity_id   1
_entity_poly.type   'polypeptide(L)'
_entity_poly.pdbx_seq_one_letter_code
;AGAGAGAGAGMKAILQLILEKRQEFEKLPCFEFVRDETISPEERLILYPCIAAFALNFRDLNRYDYRDDNSSDYYQKIIN
IHTQEDAKHWEWFLNDLELLGFDKTMRFSEALRFVWSDDLLHTRRLCHNIAVLSHDLEPVMKMVVIEAMETAGLVIFHAL
AKPGESIAKATRRKYLYVADSHVEVETGHAVGTENIITILEQTQLSSEQEEKAKEIVNKVFQWSTNLIGEFERYVKAHRS
EKAQPTAAY
;
_entity_poly.pdbx_strand_id   A,B
#
loop_
_chem_comp.id
_chem_comp.type
_chem_comp.name
_chem_comp.formula
64X non-polymer 5-bromo-L-tryptophan 'C11 H11 Br N2 O2'
FE2 non-polymer 'FE (II) ION' 'Fe 2'
NI non-polymer 'NICKEL (II) ION' 'Ni 2'
TRS non-polymer 2-AMINO-2-HYDROXYMETHYL-PROPANE-1,3-DIOL 'C4 H12 N O3 1'
#
# COMPACT_ATOMS: atom_id res chain seq x y z
N GLY A 8 3.98 19.41 30.64
CA GLY A 8 2.82 20.20 31.16
C GLY A 8 1.61 19.32 31.39
N ALA A 9 0.43 19.93 31.56
CA ALA A 9 -0.86 19.22 31.79
C ALA A 9 -1.36 18.62 30.46
N GLY A 10 -1.11 19.29 29.33
CA GLY A 10 -1.49 18.79 27.99
C GLY A 10 -0.84 17.45 27.69
N MET A 11 0.49 17.40 27.65
CA MET A 11 1.26 16.15 27.37
C MET A 11 0.87 15.04 28.35
N LYS A 12 0.68 15.34 29.64
CA LYS A 12 0.27 14.31 30.64
C LYS A 12 -1.08 13.68 30.27
N ALA A 13 -2.03 14.46 29.74
CA ALA A 13 -3.34 13.93 29.31
C ALA A 13 -3.13 13.01 28.08
N ILE A 14 -2.22 13.40 27.18
CA ILE A 14 -1.92 12.62 25.94
C ILE A 14 -1.31 11.25 26.31
N LEU A 15 -0.29 11.24 27.15
CA LEU A 15 0.39 9.98 27.57
C LEU A 15 -0.60 9.13 28.36
N GLN A 16 -1.50 9.76 29.12
CA GLN A 16 -2.49 9.01 29.91
C GLN A 16 -3.55 8.45 28.95
N LEU A 17 -3.86 9.14 27.86
CA LEU A 17 -4.86 8.62 26.89
C LEU A 17 -4.26 7.34 26.26
N ILE A 18 -2.96 7.37 25.95
CA ILE A 18 -2.30 6.20 25.31
C ILE A 18 -2.41 5.00 26.28
N LEU A 19 -2.20 5.19 27.58
CA LEU A 19 -2.30 4.09 28.57
C LEU A 19 -3.72 3.54 28.61
N GLU A 20 -4.73 4.42 28.60
CA GLU A 20 -6.18 4.02 28.64
C GLU A 20 -6.53 3.18 27.41
N LYS A 21 -6.06 3.63 26.24
CA LYS A 21 -6.30 2.92 24.97
C LYS A 21 -5.56 1.57 25.01
N ARG A 22 -4.34 1.56 25.55
CA ARG A 22 -3.56 0.29 25.64
C ARG A 22 -4.31 -0.71 26.51
N GLN A 23 -4.87 -0.25 27.63
CA GLN A 23 -5.61 -1.10 28.58
C GLN A 23 -6.86 -1.68 27.92
N GLU A 24 -7.61 -0.93 27.08
CA GLU A 24 -8.74 -1.49 26.30
C GLU A 24 -8.20 -2.48 25.27
N PHE A 25 -7.16 -2.09 24.54
CA PHE A 25 -6.65 -2.87 23.38
C PHE A 25 -6.18 -4.26 23.82
N GLU A 26 -5.43 -4.28 24.94
CA GLU A 26 -4.89 -5.51 25.60
C GLU A 26 -6.00 -6.52 25.86
N LYS A 27 -7.25 -6.05 26.03
CA LYS A 27 -8.39 -6.90 26.45
C LYS A 27 -9.18 -7.44 25.26
N LEU A 28 -8.78 -7.17 24.01
CA LEU A 28 -9.59 -7.68 22.86
C LEU A 28 -9.53 -9.20 22.79
N PRO A 29 -10.61 -9.84 22.34
CA PRO A 29 -10.71 -11.30 22.34
C PRO A 29 -9.59 -12.00 21.59
N CYS A 30 -9.10 -11.45 20.46
CA CYS A 30 -7.92 -11.99 19.75
C CYS A 30 -6.80 -12.35 20.72
N PHE A 31 -6.48 -11.47 21.67
CA PHE A 31 -5.32 -11.59 22.58
C PHE A 31 -5.65 -12.62 23.67
N GLU A 32 -6.92 -12.73 24.06
CA GLU A 32 -7.38 -13.77 25.03
C GLU A 32 -7.18 -15.14 24.38
N PHE A 33 -7.42 -15.27 23.08
CA PHE A 33 -7.20 -16.49 22.28
C PHE A 33 -5.70 -16.76 22.19
N VAL A 34 -4.93 -15.75 21.76
CA VAL A 34 -3.47 -15.91 21.53
C VAL A 34 -2.75 -16.31 22.84
N ARG A 35 -3.26 -15.88 23.97
CA ARG A 35 -2.63 -16.13 25.30
C ARG A 35 -3.10 -17.47 25.89
N ASP A 36 -4.07 -18.17 25.28
CA ASP A 36 -4.78 -19.33 25.90
C ASP A 36 -3.90 -20.56 25.79
N GLU A 37 -3.19 -20.91 26.87
CA GLU A 37 -2.20 -22.01 26.80
C GLU A 37 -2.90 -23.38 26.68
N THR A 38 -4.24 -23.46 26.74
CA THR A 38 -5.01 -24.73 26.57
C THR A 38 -5.22 -25.05 25.10
N ILE A 39 -4.86 -24.12 24.21
CA ILE A 39 -4.95 -24.35 22.74
C ILE A 39 -3.53 -24.45 22.21
N SER A 40 -3.23 -25.36 21.30
CA SER A 40 -1.84 -25.58 20.84
C SER A 40 -1.33 -24.25 20.31
N PRO A 41 -0.03 -23.95 20.48
CA PRO A 41 0.53 -22.73 19.92
C PRO A 41 0.39 -22.70 18.39
N GLU A 42 0.47 -23.85 17.74
CA GLU A 42 0.33 -23.95 16.26
C GLU A 42 -1.07 -23.46 15.89
N GLU A 43 -2.10 -23.82 16.65
CA GLU A 43 -3.47 -23.34 16.32
C GLU A 43 -3.58 -21.84 16.59
N ARG A 44 -2.93 -21.32 17.63
CA ARG A 44 -3.07 -19.89 18.02
C ARG A 44 -2.39 -19.01 16.96
N LEU A 45 -1.37 -19.52 16.28
CA LEU A 45 -0.63 -18.73 15.26
C LEU A 45 -1.23 -18.97 13.87
N ILE A 46 -2.47 -19.48 13.76
CA ILE A 46 -3.03 -19.60 12.39
C ILE A 46 -3.29 -18.20 11.81
N LEU A 47 -3.38 -17.12 12.59
CA LEU A 47 -3.53 -15.76 12.02
C LEU A 47 -2.24 -15.24 11.34
N TYR A 48 -1.11 -15.92 11.48
CA TYR A 48 0.22 -15.37 11.10
C TYR A 48 0.24 -14.83 9.66
N PRO A 49 -0.26 -15.57 8.65
CA PRO A 49 -0.14 -15.12 7.26
C PRO A 49 -0.87 -13.79 7.01
N CYS A 50 -1.86 -13.43 7.83
CA CYS A 50 -2.61 -12.15 7.71
C CYS A 50 -1.65 -10.97 7.85
N ILE A 51 -0.55 -11.16 8.58
CA ILE A 51 0.38 -10.03 8.82
C ILE A 51 1.09 -9.67 7.50
N ALA A 52 1.10 -10.55 6.53
CA ALA A 52 1.67 -10.27 5.19
C ALA A 52 1.10 -8.97 4.60
N ALA A 53 -0.16 -8.66 4.88
CA ALA A 53 -0.79 -7.46 4.31
C ALA A 53 -0.30 -6.20 5.03
N PHE A 54 0.40 -6.36 6.16
CA PHE A 54 0.83 -5.25 7.03
C PHE A 54 2.38 -5.07 7.02
N ALA A 55 3.11 -6.14 7.21
CA ALA A 55 4.52 -6.03 7.70
C ALA A 55 5.42 -5.24 6.71
N LEU A 56 5.28 -5.46 5.41
CA LEU A 56 6.15 -4.77 4.44
C LEU A 56 5.61 -3.36 4.18
N ASN A 57 4.30 -3.13 4.31
CA ASN A 57 3.73 -1.78 4.35
C ASN A 57 4.31 -1.00 5.53
N PHE A 58 4.55 -1.66 6.67
CA PHE A 58 5.08 -0.96 7.84
C PHE A 58 6.54 -0.59 7.57
N ARG A 59 7.28 -1.49 6.97
CA ARG A 59 8.68 -1.15 6.53
C ARG A 59 8.65 0.13 5.68
N ASP A 60 7.79 0.18 4.66
CA ASP A 60 7.70 1.35 3.77
C ASP A 60 7.25 2.62 4.51
N LEU A 61 6.32 2.48 5.46
CA LEU A 61 5.90 3.64 6.29
C LEU A 61 7.15 4.25 6.96
N ASN A 62 8.00 3.40 7.52
CA ASN A 62 9.22 3.84 8.22
C ASN A 62 10.17 4.48 7.22
N ARG A 63 10.41 3.82 6.11
CA ARG A 63 11.45 4.25 5.12
C ARG A 63 11.06 5.56 4.47
N TYR A 64 9.76 5.74 4.12
CA TYR A 64 9.35 6.76 3.11
C TYR A 64 8.40 7.82 3.69
N ASP A 65 7.79 7.56 4.83
CA ASP A 65 6.77 8.47 5.41
C ASP A 65 7.28 9.09 6.71
N TYR A 66 7.63 8.28 7.71
CA TYR A 66 8.12 8.78 9.03
C TYR A 66 9.46 9.53 8.85
N ARG A 67 10.41 8.92 8.12
CA ARG A 67 11.84 9.35 7.95
C ARG A 67 11.92 10.62 7.11
N ASP A 68 12.80 11.54 7.48
CA ASP A 68 13.15 12.72 6.62
C ASP A 68 14.65 12.97 6.81
N ASP A 69 15.48 12.44 5.92
CA ASP A 69 16.94 12.36 6.12
C ASP A 69 17.53 13.77 6.08
N ASN A 70 16.84 14.73 5.47
CA ASN A 70 17.34 16.13 5.32
C ASN A 70 17.01 17.03 6.54
N SER A 71 16.24 16.58 7.52
CA SER A 71 15.76 17.48 8.60
C SER A 71 16.92 17.76 9.58
N SER A 72 17.05 19.00 10.04
CA SER A 72 17.94 19.39 11.15
C SER A 72 17.16 19.34 12.46
N ASP A 73 15.84 19.13 12.40
CA ASP A 73 14.94 19.26 13.57
C ASP A 73 15.35 18.20 14.59
N TYR A 74 15.48 18.61 15.84
CA TYR A 74 15.81 17.76 17.01
C TYR A 74 14.96 16.48 17.05
N TYR A 75 13.65 16.65 16.98
CA TYR A 75 12.67 15.55 17.11
C TYR A 75 12.76 14.65 15.87
N GLN A 76 12.88 15.24 14.69
CA GLN A 76 12.93 14.45 13.43
C GLN A 76 14.20 13.60 13.41
N LYS A 77 15.31 14.10 13.93
CA LYS A 77 16.55 13.27 13.93
C LYS A 77 16.37 12.03 14.81
N ILE A 78 15.63 12.15 15.92
CA ILE A 78 15.41 11.02 16.86
C ILE A 78 14.46 10.04 16.18
N ILE A 79 13.45 10.57 15.49
CA ILE A 79 12.54 9.70 14.70
C ILE A 79 13.38 8.90 13.70
N ASN A 80 14.24 9.57 12.93
CA ASN A 80 15.04 8.93 11.87
C ASN A 80 15.86 7.77 12.43
N ILE A 81 16.51 7.95 13.58
CA ILE A 81 17.31 6.86 14.20
C ILE A 81 16.42 5.66 14.54
N HIS A 82 15.27 5.91 15.17
CA HIS A 82 14.38 4.84 15.66
C HIS A 82 13.77 4.10 14.46
N THR A 83 13.40 4.85 13.42
CA THR A 83 12.65 4.25 12.28
C THR A 83 13.62 3.47 11.39
N GLN A 84 14.90 3.79 11.39
CA GLN A 84 15.95 2.95 10.73
C GLN A 84 15.88 1.52 11.27
N GLU A 85 15.75 1.35 12.59
CA GLU A 85 15.74 0.01 13.23
C GLU A 85 14.38 -0.69 13.02
N ASP A 86 13.30 0.04 13.25
CA ASP A 86 11.95 -0.53 13.15
C ASP A 86 11.72 -1.04 11.71
N ALA A 87 12.32 -0.44 10.67
CA ALA A 87 12.12 -0.82 9.24
C ALA A 87 12.88 -2.10 8.86
N LYS A 88 13.56 -2.78 9.80
CA LYS A 88 14.25 -4.04 9.53
C LYS A 88 13.41 -5.26 9.87
N HIS A 89 12.31 -5.09 10.61
CA HIS A 89 11.60 -6.23 11.22
C HIS A 89 10.85 -7.05 10.18
N TRP A 90 10.61 -6.51 8.97
CA TRP A 90 9.90 -7.29 7.96
C TRP A 90 10.66 -8.55 7.59
N GLU A 91 12.00 -8.53 7.65
CA GLU A 91 12.77 -9.75 7.35
C GLU A 91 12.49 -10.83 8.41
N TRP A 92 12.36 -10.43 9.67
CA TRP A 92 11.99 -11.36 10.77
C TRP A 92 10.61 -11.98 10.49
N PHE A 93 9.66 -11.19 10.00
CA PHE A 93 8.34 -11.69 9.58
C PHE A 93 8.53 -12.80 8.54
N LEU A 94 9.33 -12.55 7.47
CA LEU A 94 9.55 -13.57 6.44
C LEU A 94 10.25 -14.81 7.01
N ASN A 95 11.21 -14.62 7.92
CA ASN A 95 11.93 -15.74 8.58
C ASN A 95 10.91 -16.65 9.27
N ASP A 96 10.04 -16.09 10.11
CA ASP A 96 9.10 -16.92 10.90
C ASP A 96 7.96 -17.43 10.00
N LEU A 97 7.62 -16.71 8.93
CA LEU A 97 6.64 -17.25 7.95
C LEU A 97 7.12 -18.64 7.49
N GLU A 98 8.41 -18.77 7.16
CA GLU A 98 9.01 -20.05 6.69
C GLU A 98 9.03 -21.08 7.83
N LEU A 99 9.48 -20.71 9.02
CA LEU A 99 9.54 -21.67 10.17
C LEU A 99 8.16 -22.23 10.51
N LEU A 100 7.13 -21.44 10.37
CA LEU A 100 5.77 -21.83 10.80
C LEU A 100 5.08 -22.67 9.75
N GLY A 101 5.67 -22.84 8.57
CA GLY A 101 5.08 -23.66 7.49
C GLY A 101 4.11 -22.87 6.65
N PHE A 102 4.13 -21.54 6.73
CA PHE A 102 3.15 -20.69 6.04
C PHE A 102 3.76 -20.13 4.75
N ASP A 103 5.00 -20.47 4.42
CA ASP A 103 5.61 -19.98 3.16
C ASP A 103 5.38 -21.01 2.05
N LYS A 104 4.11 -21.18 1.71
CA LYS A 104 3.55 -22.24 0.86
C LYS A 104 3.78 -21.87 -0.61
N THR A 105 3.93 -22.86 -1.48
CA THR A 105 3.98 -22.66 -2.95
C THR A 105 2.54 -22.40 -3.40
N MET A 106 2.35 -21.39 -4.26
CA MET A 106 1.03 -21.03 -4.76
C MET A 106 1.24 -20.26 -6.08
N ARG A 107 0.17 -19.99 -6.80
CA ARG A 107 0.25 -19.10 -7.98
C ARG A 107 0.49 -17.66 -7.50
N PHE A 108 1.22 -16.85 -8.27
CA PHE A 108 1.43 -15.41 -7.98
C PHE A 108 0.08 -14.78 -7.68
N SER A 109 -0.93 -15.08 -8.50
CA SER A 109 -2.25 -14.43 -8.39
C SER A 109 -2.92 -14.82 -7.06
N GLU A 110 -2.66 -16.02 -6.53
CA GLU A 110 -3.22 -16.45 -5.19
C GLU A 110 -2.60 -15.57 -4.11
N ALA A 111 -1.32 -15.26 -4.22
CA ALA A 111 -0.66 -14.37 -3.24
C ALA A 111 -1.26 -12.98 -3.35
N LEU A 112 -1.47 -12.45 -4.58
CA LEU A 112 -2.04 -11.08 -4.73
C LEU A 112 -3.48 -11.06 -4.17
N ARG A 113 -4.28 -12.05 -4.48
CA ARG A 113 -5.69 -12.06 -4.06
C ARG A 113 -5.77 -12.20 -2.52
N PHE A 114 -4.78 -12.82 -1.92
CA PHE A 114 -4.71 -12.96 -0.44
C PHE A 114 -4.38 -11.58 0.14
N VAL A 115 -3.26 -11.00 -0.28
CA VAL A 115 -2.87 -9.69 0.28
C VAL A 115 -3.99 -8.65 0.11
N TRP A 116 -4.64 -8.62 -1.06
CA TRP A 116 -5.69 -7.62 -1.38
C TRP A 116 -7.08 -8.17 -1.08
N SER A 117 -7.15 -9.21 -0.24
CA SER A 117 -8.47 -9.70 0.25
C SER A 117 -9.29 -8.59 0.89
N ASP A 118 -10.61 -8.58 0.68
CA ASP A 118 -11.49 -7.65 1.38
C ASP A 118 -11.52 -7.95 2.89
N ASP A 119 -11.17 -9.17 3.27
CA ASP A 119 -11.13 -9.58 4.70
C ASP A 119 -9.81 -9.11 5.37
N LEU A 120 -8.93 -8.44 4.63
CA LEU A 120 -7.66 -7.87 5.17
C LEU A 120 -7.54 -6.40 4.76
N LEU A 121 -8.64 -5.75 4.46
CA LEU A 121 -8.67 -4.31 4.13
C LEU A 121 -8.06 -3.44 5.22
N HIS A 122 -8.47 -3.62 6.48
CA HIS A 122 -8.02 -2.75 7.59
C HIS A 122 -6.56 -3.07 7.86
N THR A 123 -6.20 -4.32 7.73
CA THR A 123 -4.78 -4.77 7.92
C THR A 123 -3.90 -4.07 6.88
N ARG A 124 -4.36 -4.12 5.64
CA ARG A 124 -3.61 -3.60 4.49
C ARG A 124 -3.55 -2.07 4.56
N ARG A 125 -4.55 -1.38 5.08
CA ARG A 125 -4.60 0.10 5.06
CA ARG A 125 -4.60 0.11 5.05
C ARG A 125 -4.19 0.77 6.38
N LEU A 126 -3.80 0.01 7.41
CA LEU A 126 -3.39 0.69 8.65
C LEU A 126 -2.23 1.63 8.34
N CYS A 127 -1.20 1.17 7.63
CA CYS A 127 -0.02 2.06 7.38
C CYS A 127 -0.38 3.22 6.44
N HIS A 128 -1.23 2.96 5.44
CA HIS A 128 -1.72 3.99 4.51
C HIS A 128 -2.39 5.08 5.37
N ASN A 129 -3.27 4.68 6.30
CA ASN A 129 -4.04 5.64 7.10
C ASN A 129 -3.06 6.51 7.92
N ILE A 130 -2.04 5.88 8.49
CA ILE A 130 -1.00 6.60 9.29
C ILE A 130 -0.22 7.56 8.39
N ALA A 131 0.12 7.15 7.17
CA ALA A 131 0.86 8.04 6.23
C ALA A 131 0.00 9.27 5.91
N VAL A 132 -1.29 9.08 5.70
CA VAL A 132 -2.21 10.20 5.37
C VAL A 132 -2.34 11.09 6.60
N LEU A 133 -2.41 10.49 7.78
CA LEU A 133 -2.59 11.30 9.01
C LEU A 133 -1.32 12.14 9.21
N SER A 134 -0.19 11.58 8.82
CA SER A 134 1.16 12.07 9.17
C SER A 134 1.63 13.15 8.18
N HIS A 135 0.91 13.39 7.06
CA HIS A 135 1.40 14.15 5.87
C HIS A 135 1.84 15.56 6.28
N ASP A 136 1.09 16.25 7.14
CA ASP A 136 1.28 17.69 7.46
C ASP A 136 1.71 17.87 8.93
N LEU A 137 2.10 16.82 9.64
CA LEU A 137 2.43 16.92 11.09
C LEU A 137 3.87 17.41 11.28
N GLU A 138 4.08 18.34 12.21
CA GLU A 138 5.44 18.73 12.65
C GLU A 138 6.04 17.55 13.38
N PRO A 139 7.38 17.44 13.43
CA PRO A 139 8.04 16.28 14.06
C PRO A 139 7.59 15.89 15.48
N VAL A 140 7.30 16.83 16.38
CA VAL A 140 6.84 16.46 17.75
C VAL A 140 5.53 15.67 17.61
N MET A 141 4.71 16.05 16.63
CA MET A 141 3.38 15.41 16.48
C MET A 141 3.55 14.03 15.82
N LYS A 142 4.54 13.88 14.94
CA LYS A 142 4.88 12.54 14.40
C LYS A 142 5.34 11.63 15.54
N MET A 143 6.06 12.15 16.53
CA MET A 143 6.45 11.32 17.69
C MET A 143 5.22 10.77 18.43
N VAL A 144 4.12 11.53 18.55
CA VAL A 144 2.86 10.98 19.15
C VAL A 144 2.31 9.84 18.28
N VAL A 145 2.28 9.99 16.95
CA VAL A 145 1.80 8.90 16.06
C VAL A 145 2.63 7.66 16.38
N ILE A 146 3.95 7.81 16.39
CA ILE A 146 4.87 6.66 16.53
C ILE A 146 4.69 6.01 17.92
N GLU A 147 4.53 6.84 18.94
CA GLU A 147 4.39 6.35 20.33
C GLU A 147 3.09 5.53 20.41
N ALA A 148 1.97 6.03 19.85
CA ALA A 148 0.69 5.30 19.85
C ALA A 148 0.82 3.98 19.06
N MET A 149 1.37 4.05 17.84
CA MET A 149 1.49 2.91 16.92
C MET A 149 2.36 1.83 17.60
N GLU A 150 3.43 2.27 18.22
CA GLU A 150 4.40 1.34 18.88
C GLU A 150 3.77 0.70 20.12
N THR A 151 2.92 1.44 20.83
CA THR A 151 2.19 0.94 22.02
C THR A 151 1.26 -0.19 21.53
N ALA A 152 0.51 0.03 20.43
CA ALA A 152 -0.35 -1.04 19.89
C ALA A 152 0.52 -2.24 19.46
N GLY A 153 1.62 -2.03 18.77
CA GLY A 153 2.53 -3.11 18.31
C GLY A 153 3.06 -3.96 19.45
N LEU A 154 3.44 -3.31 20.52
CA LEU A 154 4.01 -4.01 21.71
C LEU A 154 2.94 -4.86 22.37
N VAL A 155 1.69 -4.40 22.42
CA VAL A 155 0.59 -5.29 22.89
C VAL A 155 0.51 -6.53 22.01
N ILE A 156 0.51 -6.36 20.66
CA ILE A 156 0.33 -7.51 19.79
C ILE A 156 1.46 -8.51 19.94
N PHE A 157 2.67 -8.02 19.91
CA PHE A 157 3.87 -8.89 19.90
C PHE A 157 4.16 -9.45 21.28
N HIS A 158 3.77 -8.79 22.35
CA HIS A 158 3.87 -9.43 23.70
C HIS A 158 2.94 -10.64 23.77
N ALA A 159 1.77 -10.53 23.16
CA ALA A 159 0.81 -11.65 23.05
C ALA A 159 1.34 -12.74 22.11
N LEU A 160 1.72 -12.41 20.86
CA LEU A 160 2.13 -13.41 19.89
C LEU A 160 3.38 -14.18 20.34
N ALA A 161 4.25 -13.52 21.08
CA ALA A 161 5.54 -14.11 21.50
C ALA A 161 5.27 -15.30 22.42
N LYS A 162 4.09 -15.37 23.03
CA LYS A 162 3.76 -16.49 23.96
C LYS A 162 3.70 -17.80 23.19
N PRO A 163 2.80 -18.03 22.19
CA PRO A 163 2.85 -19.26 21.39
C PRO A 163 4.16 -19.34 20.58
N GLY A 164 4.71 -18.22 20.11
CA GLY A 164 5.96 -18.27 19.31
C GLY A 164 7.10 -18.87 20.09
N GLU A 165 7.27 -18.44 21.34
CA GLU A 165 8.36 -18.95 22.23
C GLU A 165 8.10 -20.43 22.59
N SER A 166 6.85 -20.88 22.71
CA SER A 166 6.51 -22.29 22.94
C SER A 166 6.98 -23.13 21.74
N ILE A 167 6.78 -22.63 20.52
CA ILE A 167 7.14 -23.42 19.31
C ILE A 167 8.66 -23.37 19.17
N ALA A 168 9.29 -22.23 19.45
CA ALA A 168 10.75 -22.02 19.32
C ALA A 168 11.43 -23.04 20.23
N LYS A 169 10.91 -23.18 21.45
CA LYS A 169 11.58 -24.08 22.44
C LYS A 169 11.40 -25.53 22.00
N ALA A 170 10.19 -25.91 21.64
CA ALA A 170 9.77 -27.30 21.29
C ALA A 170 10.45 -27.77 20.01
N THR A 171 10.72 -26.87 19.06
CA THR A 171 11.32 -27.23 17.74
C THR A 171 12.82 -26.96 17.71
N ARG A 172 13.37 -26.29 18.73
CA ARG A 172 14.80 -25.90 18.84
C ARG A 172 15.18 -25.02 17.65
N ARG A 173 14.30 -24.08 17.30
CA ARG A 173 14.54 -23.10 16.21
C ARG A 173 14.44 -21.70 16.77
N LYS A 174 15.21 -20.78 16.20
CA LYS A 174 15.23 -19.37 16.65
C LYS A 174 14.17 -18.62 15.86
N TYR A 175 13.09 -18.23 16.51
CA TYR A 175 12.08 -17.29 15.97
C TYR A 175 12.56 -15.86 16.24
N LEU A 176 12.25 -14.95 15.31
CA LEU A 176 12.75 -13.55 15.32
C LEU A 176 11.58 -12.54 15.37
N TYR A 177 10.38 -12.93 14.95
CA TYR A 177 9.26 -11.96 14.82
C TYR A 177 8.23 -12.20 15.93
N VAL A 178 7.70 -13.40 16.02
CA VAL A 178 6.81 -13.76 17.17
C VAL A 178 7.71 -14.31 18.30
N ALA A 179 8.47 -13.41 18.87
CA ALA A 179 9.62 -13.74 19.73
C ALA A 179 9.79 -12.65 20.75
N ASP A 180 10.19 -13.02 21.98
CA ASP A 180 10.50 -12.01 23.02
C ASP A 180 11.58 -11.04 22.55
N SER A 181 12.57 -11.46 21.74
CA SER A 181 13.65 -10.60 21.20
C SER A 181 13.08 -9.41 20.40
N HIS A 182 12.02 -9.64 19.63
CA HIS A 182 11.33 -8.55 18.89
C HIS A 182 10.76 -7.53 19.90
N VAL A 183 10.05 -7.99 20.93
CA VAL A 183 9.43 -7.09 21.95
C VAL A 183 10.54 -6.28 22.64
N GLU A 184 11.63 -6.95 22.97
CA GLU A 184 12.73 -6.28 23.74
C GLU A 184 13.43 -5.26 22.85
N VAL A 185 13.75 -5.59 21.60
CA VAL A 185 14.45 -4.62 20.69
C VAL A 185 13.49 -3.45 20.41
N GLU A 186 12.20 -3.73 20.20
CA GLU A 186 11.20 -2.70 19.83
C GLU A 186 11.10 -1.66 20.95
N THR A 187 10.98 -2.10 22.21
CA THR A 187 10.81 -1.20 23.37
C THR A 187 11.98 -0.20 23.45
N GLY A 188 13.20 -0.70 23.26
CA GLY A 188 14.43 0.12 23.16
C GLY A 188 15.06 0.25 24.53
N HIS A 189 16.26 -0.29 24.70
CA HIS A 189 17.06 -0.08 25.95
C HIS A 189 18.50 -0.51 25.66
N GLY A 192 22.75 5.12 24.47
CA GLY A 192 22.73 5.72 23.12
C GLY A 192 21.72 6.86 22.99
N THR A 193 20.84 6.77 21.98
CA THR A 193 19.72 7.71 21.66
C THR A 193 18.55 7.52 22.63
N GLU A 194 17.84 8.56 23.03
CA GLU A 194 16.68 8.41 23.94
C GLU A 194 15.50 7.74 23.20
N ASN A 195 14.67 7.03 23.96
CA ASN A 195 13.31 6.55 23.56
C ASN A 195 12.43 7.78 23.34
N ILE A 196 11.47 7.69 22.40
CA ILE A 196 10.54 8.80 22.12
C ILE A 196 9.74 9.12 23.38
N ILE A 197 9.38 8.14 24.19
CA ILE A 197 8.50 8.40 25.38
C ILE A 197 9.24 9.36 26.35
N THR A 198 10.55 9.24 26.48
CA THR A 198 11.39 10.12 27.34
C THR A 198 11.31 11.55 26.82
N ILE A 199 11.51 11.74 25.51
CA ILE A 199 11.40 13.06 24.84
C ILE A 199 10.00 13.63 25.09
N LEU A 200 8.95 12.84 24.89
CA LEU A 200 7.56 13.36 24.98
C LEU A 200 7.28 13.82 26.43
N GLU A 201 7.72 13.05 27.41
CA GLU A 201 7.59 13.34 28.88
C GLU A 201 8.19 14.70 29.26
N GLN A 202 9.18 15.20 28.51
CA GLN A 202 9.83 16.52 28.75
C GLN A 202 9.50 17.52 27.62
N THR A 203 8.33 17.38 26.97
CA THR A 203 7.82 18.34 25.94
C THR A 203 6.45 18.87 26.37
N GLN A 204 6.19 20.16 26.10
CA GLN A 204 4.89 20.83 26.37
C GLN A 204 4.16 21.08 25.04
N LEU A 205 2.85 20.81 24.99
CA LEU A 205 2.01 20.97 23.77
C LEU A 205 1.15 22.23 23.90
N SER A 206 1.10 23.04 22.84
CA SER A 206 0.10 24.13 22.67
C SER A 206 -1.30 23.52 22.77
N SER A 207 -2.35 24.30 22.97
CA SER A 207 -3.72 23.73 23.13
C SER A 207 -4.12 23.05 21.82
N GLU A 208 -3.74 23.64 20.67
CA GLU A 208 -3.96 23.11 19.30
C GLU A 208 -3.23 21.77 19.11
N GLN A 209 -2.00 21.65 19.59
CA GLN A 209 -1.22 20.39 19.50
C GLN A 209 -1.91 19.32 20.38
N GLU A 210 -2.46 19.74 21.51
CA GLU A 210 -3.15 18.85 22.47
C GLU A 210 -4.35 18.19 21.80
N GLU A 211 -5.14 18.96 21.06
CA GLU A 211 -6.38 18.46 20.41
C GLU A 211 -6.00 17.59 19.21
N LYS A 212 -4.97 17.96 18.45
CA LYS A 212 -4.44 17.11 17.34
C LYS A 212 -3.90 15.77 17.90
N ALA A 213 -3.23 15.79 19.05
CA ALA A 213 -2.61 14.56 19.62
C ALA A 213 -3.69 13.60 20.09
N LYS A 214 -4.82 14.11 20.60
CA LYS A 214 -5.98 13.25 20.98
C LYS A 214 -6.60 12.59 19.75
N GLU A 215 -6.77 13.32 18.66
CA GLU A 215 -7.26 12.82 17.35
C GLU A 215 -6.32 11.68 16.91
N ILE A 216 -5.01 11.93 16.94
CA ILE A 216 -3.95 10.97 16.52
C ILE A 216 -4.13 9.68 17.34
N VAL A 217 -4.18 9.76 18.67
CA VAL A 217 -4.17 8.57 19.53
C VAL A 217 -5.46 7.80 19.28
N ASN A 218 -6.59 8.51 19.25
CA ASN A 218 -7.87 7.85 18.94
C ASN A 218 -7.80 7.10 17.59
N LYS A 219 -7.31 7.73 16.55
CA LYS A 219 -7.28 7.11 15.22
C LYS A 219 -6.36 5.88 15.23
N VAL A 220 -5.13 6.02 15.73
CA VAL A 220 -4.17 4.88 15.66
C VAL A 220 -4.76 3.67 16.36
N PHE A 221 -5.40 3.85 17.53
CA PHE A 221 -6.00 2.73 18.27
C PHE A 221 -7.24 2.22 17.54
N GLN A 222 -8.05 3.08 16.90
CA GLN A 222 -9.25 2.60 16.16
C GLN A 222 -8.80 1.74 14.97
N TRP A 223 -7.82 2.22 14.21
CA TRP A 223 -7.31 1.47 13.05
C TRP A 223 -6.68 0.17 13.50
N SER A 224 -5.94 0.17 14.63
CA SER A 224 -5.27 -1.04 15.14
C SER A 224 -6.32 -2.07 15.59
N THR A 225 -7.39 -1.59 16.20
CA THR A 225 -8.54 -2.44 16.62
C THR A 225 -9.25 -3.01 15.40
N ASN A 226 -9.40 -2.25 14.29
CA ASN A 226 -9.99 -2.74 13.03
C ASN A 226 -9.15 -3.90 12.46
N LEU A 227 -7.79 -3.74 12.46
CA LEU A 227 -6.85 -4.80 12.07
C LEU A 227 -7.09 -6.05 12.94
N ILE A 228 -7.18 -5.89 14.25
CA ILE A 228 -7.27 -7.06 15.17
C ILE A 228 -8.60 -7.80 14.95
N GLY A 229 -9.67 -7.06 14.68
CA GLY A 229 -10.97 -7.62 14.27
C GLY A 229 -10.87 -8.50 13.05
N GLU A 230 -10.08 -8.10 12.03
CA GLU A 230 -9.89 -8.97 10.87
C GLU A 230 -9.13 -10.23 11.24
N PHE A 231 -8.15 -10.14 12.15
CA PHE A 231 -7.37 -11.31 12.59
C PHE A 231 -8.34 -12.28 13.29
N GLU A 232 -9.20 -11.75 14.14
CA GLU A 232 -10.19 -12.58 14.91
C GLU A 232 -11.08 -13.31 13.92
N ARG A 233 -11.61 -12.63 12.90
CA ARG A 233 -12.50 -13.30 11.91
C ARG A 233 -11.75 -14.31 11.06
N TYR A 234 -10.48 -14.02 10.70
CA TYR A 234 -9.68 -15.00 9.96
C TYR A 234 -9.51 -16.25 10.83
N VAL A 235 -9.14 -16.11 12.11
CA VAL A 235 -8.94 -17.26 13.03
C VAL A 235 -10.23 -18.08 13.04
N LYS A 236 -11.36 -17.40 13.16
CA LYS A 236 -12.65 -18.12 13.26
C LYS A 236 -12.89 -18.94 11.99
N ALA A 237 -12.48 -18.45 10.83
CA ALA A 237 -12.65 -19.16 9.55
C ALA A 237 -11.59 -20.28 9.41
N HIS A 238 -10.63 -20.44 10.35
CA HIS A 238 -9.52 -21.43 10.23
C HIS A 238 -9.26 -22.25 11.50
N ARG A 239 -10.16 -22.29 12.49
CA ARG A 239 -9.85 -22.98 13.77
C ARG A 239 -9.50 -24.44 13.49
N SER A 240 -10.08 -24.97 12.39
CA SER A 240 -9.66 -26.21 11.67
C SER A 240 -8.53 -25.86 10.70
N GLU A 241 -7.39 -25.48 11.29
CA GLU A 241 -6.09 -25.33 10.58
C GLU A 241 -5.05 -24.98 11.64
N LYS A 242 -3.78 -25.20 11.33
CA LYS A 242 -2.71 -24.76 12.25
C LYS A 242 -1.44 -24.50 11.47
N ALA A 243 -0.53 -23.75 12.08
CA ALA A 243 0.88 -23.70 11.67
C ALA A 243 1.42 -25.12 11.58
N GLN A 244 2.41 -25.30 10.72
CA GLN A 244 3.11 -26.59 10.48
C GLN A 244 4.60 -26.35 10.68
N PRO A 245 5.04 -26.07 11.93
CA PRO A 245 6.45 -25.93 12.19
C PRO A 245 7.00 -27.36 12.06
N THR A 246 8.26 -27.46 11.72
CA THR A 246 8.99 -28.76 11.67
C THR A 246 10.07 -28.62 12.75
N ALA A 247 10.27 -29.67 13.54
CA ALA A 247 11.33 -29.74 14.56
C ALA A 247 12.66 -29.84 13.81
N ALA A 248 13.62 -28.96 14.11
CA ALA A 248 15.04 -29.14 13.72
C ALA A 248 15.51 -30.55 14.09
N GLY B 8 -13.51 29.20 -18.99
CA GLY B 8 -12.61 30.18 -18.32
C GLY B 8 -11.16 29.95 -18.69
N ALA B 9 -10.33 31.00 -18.62
CA ALA B 9 -8.89 30.99 -18.97
C ALA B 9 -8.15 29.98 -18.08
N GLY B 10 -8.48 29.95 -16.77
CA GLY B 10 -7.91 29.04 -15.75
C GLY B 10 -8.05 27.58 -16.15
N MET B 11 -9.28 27.06 -16.23
CA MET B 11 -9.58 25.67 -16.64
C MET B 11 -8.89 25.36 -17.97
N LYS B 12 -9.03 26.24 -18.97
CA LYS B 12 -8.46 26.03 -20.33
C LYS B 12 -6.95 25.85 -20.24
N ALA B 13 -6.28 26.57 -19.33
CA ALA B 13 -4.83 26.43 -19.08
C ALA B 13 -4.55 25.04 -18.51
N ILE B 14 -5.43 24.55 -17.64
CA ILE B 14 -5.26 23.21 -16.98
C ILE B 14 -5.49 22.11 -18.01
N LEU B 15 -6.55 22.18 -18.82
CA LEU B 15 -6.80 21.15 -19.87
C LEU B 15 -5.66 21.20 -20.89
N GLN B 16 -5.10 22.37 -21.17
CA GLN B 16 -3.94 22.49 -22.09
C GLN B 16 -2.68 21.86 -21.45
N LEU B 17 -2.43 22.09 -20.16
CA LEU B 17 -1.24 21.51 -19.49
C LEU B 17 -1.33 19.96 -19.51
N ILE B 18 -2.52 19.38 -19.34
CA ILE B 18 -2.72 17.91 -19.41
C ILE B 18 -2.29 17.44 -20.83
N LEU B 19 -2.68 18.12 -21.90
CA LEU B 19 -2.30 17.69 -23.28
C LEU B 19 -0.79 17.82 -23.45
N GLU B 20 -0.18 18.85 -22.89
CA GLU B 20 1.29 19.09 -23.04
C GLU B 20 2.05 17.99 -22.28
N LYS B 21 1.61 17.67 -21.06
CA LYS B 21 2.22 16.60 -20.26
C LYS B 21 2.04 15.25 -20.97
N ARG B 22 0.89 15.01 -21.60
CA ARG B 22 0.58 13.78 -22.37
C ARG B 22 1.57 13.64 -23.52
N GLN B 23 1.87 14.76 -24.20
CA GLN B 23 2.73 14.78 -25.41
C GLN B 23 4.15 14.44 -25.01
N GLU B 24 4.63 14.98 -23.88
CA GLU B 24 5.97 14.69 -23.31
C GLU B 24 6.02 13.21 -22.84
N PHE B 25 4.99 12.76 -22.14
CA PHE B 25 4.92 11.38 -21.57
C PHE B 25 5.02 10.31 -22.66
N GLU B 26 4.24 10.48 -23.73
CA GLU B 26 4.18 9.61 -24.94
C GLU B 26 5.56 9.34 -25.54
N LYS B 27 6.52 10.24 -25.32
CA LYS B 27 7.88 10.19 -25.91
C LYS B 27 8.85 9.33 -25.08
N LEU B 28 8.44 8.85 -23.90
CA LEU B 28 9.44 8.19 -23.03
C LEU B 28 9.99 6.93 -23.69
N PRO B 29 11.27 6.59 -23.43
CA PRO B 29 11.92 5.46 -24.08
C PRO B 29 11.20 4.12 -23.89
N CYS B 30 10.57 3.88 -22.74
CA CYS B 30 9.77 2.65 -22.52
C CYS B 30 8.72 2.47 -23.62
N PHE B 31 8.05 3.56 -24.03
CA PHE B 31 6.96 3.48 -25.01
C PHE B 31 7.55 3.21 -26.40
N GLU B 32 8.71 3.75 -26.70
CA GLU B 32 9.35 3.44 -28.03
C GLU B 32 9.67 1.96 -28.09
N PHE B 33 10.15 1.39 -26.98
CA PHE B 33 10.40 -0.07 -26.89
C PHE B 33 9.10 -0.85 -27.09
N VAL B 34 8.02 -0.50 -26.37
CA VAL B 34 6.78 -1.30 -26.39
C VAL B 34 6.12 -1.26 -27.79
N ARG B 35 6.34 -0.21 -28.56
CA ARG B 35 5.73 0.02 -29.89
C ARG B 35 6.59 -0.63 -30.99
N ASP B 36 7.81 -1.03 -30.67
CA ASP B 36 8.81 -1.47 -31.67
C ASP B 36 8.44 -2.86 -32.17
N GLU B 37 7.80 -2.95 -33.35
CA GLU B 37 7.31 -4.25 -33.91
C GLU B 37 8.43 -5.14 -34.46
N THR B 38 9.70 -4.71 -34.45
CA THR B 38 10.88 -5.56 -34.79
C THR B 38 11.30 -6.38 -33.57
N ILE B 39 10.73 -6.12 -32.40
CA ILE B 39 10.97 -6.92 -31.16
C ILE B 39 9.75 -7.80 -30.93
N SER B 40 9.92 -9.08 -30.57
CA SER B 40 8.75 -9.97 -30.40
C SER B 40 7.89 -9.37 -29.30
N PRO B 41 6.57 -9.50 -29.40
CA PRO B 41 5.66 -8.91 -28.42
C PRO B 41 5.84 -9.59 -27.06
N GLU B 42 6.30 -10.84 -27.05
CA GLU B 42 6.62 -11.56 -25.78
C GLU B 42 7.75 -10.86 -25.03
N GLU B 43 8.75 -10.33 -25.72
CA GLU B 43 9.85 -9.58 -25.09
C GLU B 43 9.35 -8.20 -24.68
N ARG B 44 8.46 -7.57 -25.45
CA ARG B 44 7.99 -6.21 -25.12
C ARG B 44 7.10 -6.28 -23.87
N LEU B 45 6.46 -7.42 -23.62
CA LEU B 45 5.60 -7.52 -22.39
C LEU B 45 6.37 -8.17 -21.22
N ILE B 46 7.69 -8.17 -21.25
CA ILE B 46 8.56 -8.56 -20.08
C ILE B 46 8.16 -7.72 -18.86
N LEU B 47 7.70 -6.49 -19.07
CA LEU B 47 7.35 -5.56 -17.97
C LEU B 47 6.01 -5.92 -17.32
N TYR B 48 5.20 -6.82 -17.88
CA TYR B 48 3.81 -7.02 -17.45
C TYR B 48 3.70 -7.33 -15.96
N PRO B 49 4.48 -8.25 -15.42
CA PRO B 49 4.31 -8.57 -14.00
C PRO B 49 4.56 -7.38 -13.07
N CYS B 50 5.41 -6.41 -13.45
CA CYS B 50 5.61 -5.16 -12.69
C CYS B 50 4.25 -4.59 -12.30
N ILE B 51 3.26 -4.72 -13.17
CA ILE B 51 1.97 -4.05 -12.94
C ILE B 51 1.27 -4.67 -11.72
N ALA B 52 1.73 -5.83 -11.24
CA ALA B 52 1.22 -6.44 -9.98
C ALA B 52 1.34 -5.45 -8.80
N ALA B 53 2.35 -4.58 -8.75
CA ALA B 53 2.58 -3.64 -7.65
C ALA B 53 1.68 -2.39 -7.75
N PHE B 54 0.92 -2.25 -8.84
CA PHE B 54 0.02 -1.12 -9.13
C PHE B 54 -1.46 -1.55 -9.19
N ALA B 55 -1.81 -2.57 -9.95
CA ALA B 55 -3.21 -2.73 -10.47
C ALA B 55 -4.20 -2.91 -9.31
N LEU B 56 -3.83 -3.63 -8.25
CA LEU B 56 -4.77 -3.85 -7.15
C LEU B 56 -4.76 -2.67 -6.20
N ASN B 57 -3.65 -1.96 -6.08
CA ASN B 57 -3.62 -0.64 -5.41
C ASN B 57 -4.57 0.32 -6.13
N PHE B 58 -4.61 0.28 -7.46
CA PHE B 58 -5.46 1.21 -8.21
C PHE B 58 -6.92 0.83 -7.95
N ARG B 59 -7.23 -0.44 -7.85
CA ARG B 59 -8.62 -0.86 -7.47
C ARG B 59 -8.96 -0.19 -6.13
N ASP B 60 -8.09 -0.32 -5.15
CA ASP B 60 -8.30 0.24 -3.80
C ASP B 60 -8.40 1.77 -3.88
N LEU B 61 -7.52 2.45 -4.65
CA LEU B 61 -7.60 3.92 -4.80
C LEU B 61 -9.04 4.32 -5.22
N ASN B 62 -9.60 3.57 -6.15
CA ASN B 62 -10.97 3.84 -6.67
C ASN B 62 -12.05 3.48 -5.64
N ARG B 63 -11.92 2.36 -4.95
CA ARG B 63 -12.94 1.96 -3.94
C ARG B 63 -12.92 2.88 -2.71
N TYR B 64 -11.75 3.30 -2.22
CA TYR B 64 -11.60 3.77 -0.83
C TYR B 64 -11.18 5.23 -0.78
N ASP B 65 -10.50 5.75 -1.82
CA ASP B 65 -9.84 7.08 -1.71
C ASP B 65 -10.60 8.11 -2.56
N TYR B 66 -10.92 7.77 -3.81
CA TYR B 66 -11.59 8.62 -4.80
C TYR B 66 -13.08 8.66 -4.41
N ARG B 67 -13.62 7.47 -4.11
CA ARG B 67 -15.07 7.25 -3.77
C ARG B 67 -15.32 7.79 -2.35
N ASP B 68 -16.48 8.43 -2.19
CA ASP B 68 -17.01 8.87 -0.87
C ASP B 68 -18.52 8.60 -0.87
N ASP B 69 -18.92 7.43 -0.39
CA ASP B 69 -20.34 6.96 -0.31
C ASP B 69 -21.11 7.73 0.77
N ASN B 70 -20.42 8.54 1.60
CA ASN B 70 -21.06 9.42 2.62
C ASN B 70 -21.43 10.79 2.02
N SER B 71 -20.93 11.12 0.83
CA SER B 71 -21.08 12.46 0.19
C SER B 71 -22.38 12.58 -0.59
N SER B 72 -22.96 13.77 -0.54
CA SER B 72 -24.20 14.22 -1.23
C SER B 72 -23.86 15.21 -2.35
N ASP B 73 -22.59 15.62 -2.48
CA ASP B 73 -22.16 16.66 -3.44
C ASP B 73 -22.30 16.15 -4.87
N TYR B 74 -22.62 17.05 -5.81
CA TYR B 74 -22.88 16.79 -7.26
C TYR B 74 -21.65 16.21 -7.98
N TYR B 75 -20.48 16.84 -7.86
CA TYR B 75 -19.22 16.37 -8.47
C TYR B 75 -18.82 15.01 -7.84
N GLN B 76 -18.86 14.91 -6.50
CA GLN B 76 -18.47 13.64 -5.82
C GLN B 76 -19.35 12.49 -6.33
N LYS B 77 -20.61 12.73 -6.68
CA LYS B 77 -21.54 11.66 -7.13
C LYS B 77 -21.11 11.14 -8.50
N ILE B 78 -20.66 12.02 -9.40
CA ILE B 78 -20.09 11.71 -10.75
C ILE B 78 -18.81 10.89 -10.53
N ILE B 79 -17.96 11.29 -9.59
CA ILE B 79 -16.69 10.56 -9.29
C ILE B 79 -17.04 9.15 -8.86
N ASN B 80 -17.98 9.01 -7.93
CA ASN B 80 -18.39 7.72 -7.33
C ASN B 80 -18.74 6.75 -8.46
N ILE B 81 -19.54 7.20 -9.43
CA ILE B 81 -20.03 6.40 -10.59
C ILE B 81 -18.83 5.98 -11.44
N HIS B 82 -17.95 6.92 -11.78
CA HIS B 82 -16.70 6.68 -12.53
C HIS B 82 -15.87 5.60 -11.83
N THR B 83 -15.76 5.68 -10.49
CA THR B 83 -14.89 4.77 -9.70
C THR B 83 -15.45 3.36 -9.75
N GLN B 84 -16.76 3.19 -9.94
CA GLN B 84 -17.37 1.84 -9.99
C GLN B 84 -16.85 1.10 -11.23
N GLU B 85 -16.63 1.77 -12.35
CA GLU B 85 -16.11 1.12 -13.57
C GLU B 85 -14.62 0.77 -13.37
N ASP B 86 -13.85 1.76 -12.98
CA ASP B 86 -12.37 1.67 -12.95
C ASP B 86 -11.92 0.65 -11.89
N ALA B 87 -12.72 0.42 -10.86
CA ALA B 87 -12.45 -0.54 -9.74
C ALA B 87 -12.60 -1.97 -10.23
N LYS B 88 -12.99 -2.22 -11.49
CA LYS B 88 -13.15 -3.60 -11.98
C LYS B 88 -11.94 -4.06 -12.80
N HIS B 89 -11.07 -3.15 -13.28
CA HIS B 89 -10.02 -3.51 -14.28
C HIS B 89 -8.92 -4.39 -13.67
N TRP B 90 -8.79 -4.49 -12.33
CA TRP B 90 -7.76 -5.36 -11.73
C TRP B 90 -8.01 -6.82 -12.11
N GLU B 91 -9.29 -7.22 -12.27
CA GLU B 91 -9.56 -8.62 -12.66
C GLU B 91 -9.01 -8.88 -14.07
N TRP B 92 -9.10 -7.89 -14.96
CA TRP B 92 -8.55 -8.04 -16.33
C TRP B 92 -7.04 -8.20 -16.27
N PHE B 93 -6.38 -7.47 -15.37
CA PHE B 93 -4.92 -7.61 -15.13
C PHE B 93 -4.64 -9.08 -14.78
N LEU B 94 -5.44 -9.67 -13.85
CA LEU B 94 -5.16 -11.07 -13.41
C LEU B 94 -5.44 -12.06 -14.55
N ASN B 95 -6.46 -11.80 -15.37
CA ASN B 95 -6.78 -12.58 -16.60
C ASN B 95 -5.54 -12.63 -17.51
N ASP B 96 -5.02 -11.49 -17.91
CA ASP B 96 -3.91 -11.42 -18.86
C ASP B 96 -2.61 -11.93 -18.24
N LEU B 97 -2.45 -11.81 -16.91
CA LEU B 97 -1.27 -12.38 -16.22
C LEU B 97 -1.19 -13.90 -16.53
N GLU B 98 -2.32 -14.58 -16.39
CA GLU B 98 -2.41 -16.04 -16.61
C GLU B 98 -2.15 -16.31 -18.11
N LEU B 99 -2.83 -15.58 -18.99
CA LEU B 99 -2.67 -15.82 -20.46
C LEU B 99 -1.22 -15.68 -20.91
N LEU B 100 -0.48 -14.70 -20.38
CA LEU B 100 0.90 -14.40 -20.80
C LEU B 100 1.90 -15.38 -20.20
N GLY B 101 1.50 -16.26 -19.28
CA GLY B 101 2.46 -17.21 -18.72
C GLY B 101 3.17 -16.64 -17.50
N PHE B 102 2.63 -15.57 -16.91
CA PHE B 102 3.28 -14.83 -15.80
C PHE B 102 2.65 -15.20 -14.47
N ASP B 103 1.67 -16.09 -14.47
CA ASP B 103 0.99 -16.43 -13.17
C ASP B 103 1.70 -17.66 -12.60
N LYS B 104 2.96 -17.47 -12.27
CA LYS B 104 3.92 -18.57 -12.00
C LYS B 104 3.68 -19.07 -10.58
N THR B 105 4.03 -20.33 -10.37
CA THR B 105 3.99 -20.95 -9.03
C THR B 105 5.27 -20.52 -8.35
N MET B 106 5.15 -20.08 -7.10
CA MET B 106 6.30 -19.53 -6.36
C MET B 106 5.98 -19.65 -4.85
N ARG B 107 6.97 -19.41 -4.03
CA ARG B 107 6.74 -19.27 -2.58
C ARG B 107 5.97 -17.99 -2.31
N PHE B 108 5.05 -18.03 -1.35
CA PHE B 108 4.36 -16.82 -0.85
C PHE B 108 5.38 -15.67 -0.65
N SER B 109 6.52 -15.91 0.01
CA SER B 109 7.55 -14.89 0.34
C SER B 109 8.15 -14.31 -0.94
N GLU B 110 8.29 -15.12 -2.00
CA GLU B 110 8.80 -14.65 -3.33
C GLU B 110 7.79 -13.66 -3.96
N ALA B 111 6.48 -13.89 -3.83
CA ALA B 111 5.45 -12.94 -4.30
C ALA B 111 5.55 -11.64 -3.50
N LEU B 112 5.69 -11.74 -2.17
CA LEU B 112 5.77 -10.50 -1.33
C LEU B 112 7.05 -9.71 -1.69
N ARG B 113 8.18 -10.37 -1.81
CA ARG B 113 9.48 -9.73 -2.12
C ARG B 113 9.40 -9.08 -3.51
N PHE B 114 8.64 -9.65 -4.41
CA PHE B 114 8.45 -9.04 -5.76
C PHE B 114 7.69 -7.73 -5.63
N VAL B 115 6.47 -7.76 -5.08
CA VAL B 115 5.62 -6.56 -4.99
C VAL B 115 6.35 -5.45 -4.23
N TRP B 116 7.04 -5.80 -3.13
CA TRP B 116 7.71 -4.82 -2.27
C TRP B 116 9.18 -4.64 -2.68
N SER B 117 9.55 -5.02 -3.89
CA SER B 117 10.93 -4.80 -4.43
C SER B 117 11.26 -3.31 -4.40
N ASP B 118 12.52 -2.98 -4.12
CA ASP B 118 12.99 -1.57 -4.18
C ASP B 118 12.95 -1.11 -5.63
N ASP B 119 13.02 -2.04 -6.57
CA ASP B 119 12.97 -1.71 -8.02
C ASP B 119 11.54 -1.46 -8.50
N LEU B 120 10.54 -1.65 -7.65
CA LEU B 120 9.15 -1.28 -7.99
C LEU B 120 8.58 -0.28 -6.97
N LEU B 121 9.43 0.41 -6.23
CA LEU B 121 9.01 1.47 -5.27
C LEU B 121 8.04 2.48 -5.92
N HIS B 122 8.40 3.05 -7.07
CA HIS B 122 7.58 4.13 -7.65
C HIS B 122 6.26 3.55 -8.18
N THR B 123 6.33 2.35 -8.69
CA THR B 123 5.14 1.62 -9.18
C THR B 123 4.20 1.37 -8.00
N ARG B 124 4.76 0.91 -6.89
CA ARG B 124 3.96 0.48 -5.70
C ARG B 124 3.36 1.72 -5.02
N ARG B 125 4.04 2.86 -5.04
CA ARG B 125 3.61 4.08 -4.33
C ARG B 125 2.84 5.05 -5.21
N LEU B 126 2.64 4.79 -6.50
CA LEU B 126 1.86 5.76 -7.35
C LEU B 126 0.46 6.01 -6.73
N CYS B 127 -0.30 4.96 -6.43
CA CYS B 127 -1.69 5.16 -5.92
C CYS B 127 -1.62 5.77 -4.53
N HIS B 128 -0.65 5.35 -3.71
CA HIS B 128 -0.44 5.92 -2.36
C HIS B 128 -0.26 7.44 -2.46
N ASN B 129 0.62 7.86 -3.38
CA ASN B 129 0.92 9.27 -3.63
C ASN B 129 -0.34 10.03 -4.09
N ILE B 130 -1.13 9.43 -4.95
CA ILE B 130 -2.40 10.02 -5.44
C ILE B 130 -3.40 10.13 -4.28
N ALA B 131 -3.49 9.12 -3.42
CA ALA B 131 -4.39 9.18 -2.24
C ALA B 131 -4.01 10.32 -1.30
N VAL B 132 -2.74 10.49 -1.01
CA VAL B 132 -2.25 11.59 -0.15
C VAL B 132 -2.58 12.92 -0.82
N LEU B 133 -2.34 13.01 -2.11
CA LEU B 133 -2.60 14.26 -2.87
C LEU B 133 -4.09 14.62 -2.82
N SER B 134 -4.95 13.61 -2.87
CA SER B 134 -6.41 13.74 -3.06
C SER B 134 -7.17 13.94 -1.72
N HIS B 135 -6.59 13.60 -0.58
CA HIS B 135 -7.42 13.31 0.62
C HIS B 135 -8.12 14.60 1.12
N ASP B 136 -7.58 15.77 0.83
CA ASP B 136 -8.15 17.05 1.35
C ASP B 136 -8.63 17.93 0.21
N LEU B 137 -8.83 17.38 -0.99
CA LEU B 137 -9.31 18.10 -2.18
C LEU B 137 -10.83 18.16 -2.23
N GLU B 138 -11.37 19.30 -2.71
CA GLU B 138 -12.80 19.38 -3.08
C GLU B 138 -13.03 18.52 -4.32
N PRO B 139 -14.28 18.09 -4.58
CA PRO B 139 -14.58 17.17 -5.67
C PRO B 139 -14.09 17.60 -7.06
N VAL B 140 -14.24 18.87 -7.44
CA VAL B 140 -13.85 19.33 -8.79
C VAL B 140 -12.34 19.18 -8.93
N MET B 141 -11.58 19.36 -7.85
CA MET B 141 -10.10 19.16 -7.87
C MET B 141 -9.77 17.66 -7.91
N LYS B 142 -10.55 16.83 -7.23
CA LYS B 142 -10.40 15.35 -7.37
C LYS B 142 -10.61 14.97 -8.85
N MET B 143 -11.59 15.56 -9.53
CA MET B 143 -11.78 15.33 -10.99
C MET B 143 -10.53 15.67 -11.80
N VAL B 144 -9.78 16.69 -11.44
CA VAL B 144 -8.53 17.01 -12.17
C VAL B 144 -7.54 15.85 -11.95
N VAL B 145 -7.47 15.34 -10.73
CA VAL B 145 -6.52 14.21 -10.43
C VAL B 145 -6.91 13.03 -11.31
N ILE B 146 -8.18 12.70 -11.34
CA ILE B 146 -8.71 11.53 -12.10
C ILE B 146 -8.43 11.74 -13.58
N GLU B 147 -8.67 12.94 -14.10
CA GLU B 147 -8.50 13.15 -15.56
C GLU B 147 -7.02 13.02 -15.94
N ALA B 148 -6.13 13.61 -15.15
CA ALA B 148 -4.68 13.53 -15.34
C ALA B 148 -4.29 12.05 -15.32
N MET B 149 -4.63 11.37 -14.23
CA MET B 149 -4.21 9.96 -14.05
C MET B 149 -4.74 9.12 -15.22
N GLU B 150 -5.99 9.35 -15.65
CA GLU B 150 -6.56 8.57 -16.78
C GLU B 150 -5.81 8.90 -18.08
N THR B 151 -5.40 10.15 -18.23
CA THR B 151 -4.61 10.55 -19.44
C THR B 151 -3.30 9.77 -19.48
N ALA B 152 -2.58 9.65 -18.35
CA ALA B 152 -1.34 8.86 -18.32
C ALA B 152 -1.67 7.41 -18.65
N GLY B 153 -2.70 6.84 -18.02
CA GLY B 153 -3.12 5.46 -18.24
C GLY B 153 -3.43 5.19 -19.69
N LEU B 154 -4.08 6.14 -20.37
CA LEU B 154 -4.43 5.96 -21.81
C LEU B 154 -3.16 5.90 -22.67
N VAL B 155 -2.15 6.67 -22.34
CA VAL B 155 -0.86 6.59 -23.06
C VAL B 155 -0.26 5.19 -22.89
N ILE B 156 -0.23 4.68 -21.66
CA ILE B 156 0.40 3.37 -21.40
C ILE B 156 -0.36 2.22 -22.08
N PHE B 157 -1.69 2.17 -21.95
CA PHE B 157 -2.49 1.04 -22.47
C PHE B 157 -2.64 1.16 -24.00
N HIS B 158 -2.61 2.36 -24.56
CA HIS B 158 -2.50 2.49 -26.04
C HIS B 158 -1.24 1.79 -26.53
N ALA B 159 -0.13 1.94 -25.82
CA ALA B 159 1.16 1.31 -26.20
C ALA B 159 1.12 -0.20 -25.90
N LEU B 160 0.68 -0.62 -24.70
CA LEU B 160 0.74 -2.04 -24.31
C LEU B 160 -0.22 -2.87 -25.17
N ALA B 161 -1.35 -2.29 -25.57
CA ALA B 161 -2.35 -2.99 -26.42
C ALA B 161 -1.76 -3.40 -27.79
N LYS B 162 -0.64 -2.82 -28.21
CA LYS B 162 0.01 -3.18 -29.51
C LYS B 162 0.55 -4.61 -29.42
N PRO B 163 1.54 -4.90 -28.53
CA PRO B 163 2.03 -6.27 -28.34
C PRO B 163 0.92 -7.19 -27.81
N GLY B 164 0.05 -6.66 -26.92
CA GLY B 164 -1.11 -7.39 -26.38
C GLY B 164 -2.01 -7.99 -27.45
N GLU B 165 -2.46 -7.17 -28.38
CA GLU B 165 -3.42 -7.61 -29.43
C GLU B 165 -2.69 -8.48 -30.47
N SER B 166 -1.39 -8.30 -30.66
CA SER B 166 -0.54 -9.19 -31.51
C SER B 166 -0.63 -10.60 -30.94
N ILE B 167 -0.38 -10.72 -29.64
CA ILE B 167 -0.41 -12.05 -29.00
C ILE B 167 -1.85 -12.58 -28.99
N ALA B 168 -2.84 -11.76 -28.68
CA ALA B 168 -4.28 -12.14 -28.66
C ALA B 168 -4.67 -12.76 -30.01
N LYS B 169 -4.27 -12.14 -31.12
CA LYS B 169 -4.67 -12.65 -32.45
C LYS B 169 -3.88 -13.93 -32.75
N ALA B 170 -2.57 -13.95 -32.49
CA ALA B 170 -1.64 -15.07 -32.77
C ALA B 170 -2.03 -16.34 -32.00
N THR B 171 -2.68 -16.22 -30.83
CA THR B 171 -2.99 -17.37 -29.92
C THR B 171 -4.49 -17.64 -29.84
N ARG B 172 -5.32 -16.79 -30.47
CA ARG B 172 -6.80 -16.80 -30.39
C ARG B 172 -7.27 -16.90 -28.93
N ARG B 173 -6.84 -15.96 -28.09
CA ARG B 173 -7.38 -15.79 -26.71
C ARG B 173 -7.88 -14.36 -26.54
N LYS B 174 -8.85 -14.18 -25.65
CA LYS B 174 -9.43 -12.85 -25.34
C LYS B 174 -8.61 -12.21 -24.23
N TYR B 175 -7.78 -11.25 -24.61
CA TYR B 175 -7.04 -10.36 -23.67
C TYR B 175 -7.98 -9.22 -23.31
N LEU B 176 -7.94 -8.77 -22.06
CA LEU B 176 -8.90 -7.85 -21.43
C LEU B 176 -8.17 -6.59 -20.91
N TYR B 177 -6.88 -6.70 -20.59
CA TYR B 177 -6.11 -5.60 -19.93
C TYR B 177 -5.14 -4.97 -20.95
N VAL B 178 -4.22 -5.70 -21.55
CA VAL B 178 -3.33 -5.14 -22.61
C VAL B 178 -4.05 -5.31 -23.96
N ALA B 179 -5.19 -4.67 -24.05
CA ALA B 179 -6.20 -4.92 -25.11
C ALA B 179 -6.91 -3.63 -25.53
N ASP B 180 -7.34 -3.57 -26.80
CA ASP B 180 -8.14 -2.42 -27.26
C ASP B 180 -9.44 -2.25 -26.47
N SER B 181 -10.09 -3.31 -26.00
CA SER B 181 -11.35 -3.20 -25.22
C SER B 181 -11.10 -2.34 -23.96
N HIS B 182 -9.92 -2.50 -23.34
CA HIS B 182 -9.56 -1.69 -22.14
C HIS B 182 -9.41 -0.23 -22.55
N VAL B 183 -8.64 0.03 -23.61
CA VAL B 183 -8.37 1.41 -24.12
C VAL B 183 -9.70 2.09 -24.46
N GLU B 184 -10.63 1.35 -25.06
CA GLU B 184 -11.94 1.90 -25.54
C GLU B 184 -12.87 2.18 -24.35
N VAL B 185 -12.90 1.33 -23.32
CA VAL B 185 -13.76 1.56 -22.10
C VAL B 185 -13.22 2.75 -21.28
N GLU B 186 -11.88 2.91 -21.14
CA GLU B 186 -11.27 4.09 -20.45
C GLU B 186 -11.91 5.38 -20.98
N THR B 187 -11.97 5.48 -22.31
CA THR B 187 -12.49 6.62 -23.09
C THR B 187 -14.00 6.76 -22.85
N GLY B 188 -14.76 5.65 -22.95
CA GLY B 188 -16.22 5.61 -22.70
C GLY B 188 -16.55 5.87 -21.24
N GLU B 194 -22.27 11.97 -16.80
CA GLU B 194 -21.44 12.71 -17.80
C GLU B 194 -19.96 12.35 -17.61
N ASN B 195 -19.20 12.36 -18.71
CA ASN B 195 -17.74 12.11 -18.71
C ASN B 195 -17.07 13.34 -18.09
N ILE B 196 -15.90 13.15 -17.47
CA ILE B 196 -15.33 14.12 -16.49
C ILE B 196 -14.84 15.37 -17.23
N ILE B 197 -14.19 15.22 -18.39
CA ILE B 197 -13.56 16.37 -19.10
C ILE B 197 -14.67 17.33 -19.57
N THR B 198 -15.86 16.80 -19.87
CA THR B 198 -17.08 17.56 -20.26
C THR B 198 -17.43 18.54 -19.13
N ILE B 199 -17.47 18.03 -17.89
CA ILE B 199 -17.76 18.79 -16.65
C ILE B 199 -16.65 19.82 -16.45
N LEU B 200 -15.39 19.39 -16.60
CA LEU B 200 -14.21 20.26 -16.37
C LEU B 200 -14.26 21.42 -17.38
N GLU B 201 -14.48 21.13 -18.67
CA GLU B 201 -14.61 22.11 -19.79
C GLU B 201 -15.64 23.20 -19.46
N GLN B 202 -16.66 22.91 -18.65
CA GLN B 202 -17.78 23.84 -18.36
C GLN B 202 -17.65 24.46 -16.96
N THR B 203 -16.55 24.20 -16.24
CA THR B 203 -16.38 24.60 -14.81
C THR B 203 -15.34 25.71 -14.70
N GLN B 204 -15.63 26.72 -13.87
CA GLN B 204 -14.82 27.94 -13.64
C GLN B 204 -13.95 27.71 -12.40
N LEU B 205 -12.65 27.99 -12.51
CA LEU B 205 -11.63 27.73 -11.45
C LEU B 205 -11.21 29.06 -10.83
N SER B 206 -11.22 29.15 -9.49
CA SER B 206 -10.63 30.30 -8.76
C SER B 206 -9.12 30.28 -9.01
N SER B 207 -8.41 31.38 -8.77
CA SER B 207 -6.94 31.42 -8.94
C SER B 207 -6.29 30.33 -8.05
N GLU B 208 -6.86 30.09 -6.86
CA GLU B 208 -6.30 29.11 -5.88
C GLU B 208 -6.45 27.72 -6.52
N GLN B 209 -7.64 27.39 -7.01
CA GLN B 209 -7.94 26.10 -7.69
C GLN B 209 -7.02 25.92 -8.92
N GLU B 210 -6.69 27.00 -9.64
CA GLU B 210 -5.81 26.91 -10.83
C GLU B 210 -4.37 26.57 -10.40
N GLU B 211 -3.85 27.22 -9.35
CA GLU B 211 -2.50 26.93 -8.81
C GLU B 211 -2.48 25.45 -8.36
N LYS B 212 -3.49 25.02 -7.59
CA LYS B 212 -3.53 23.61 -7.08
C LYS B 212 -3.62 22.64 -8.26
N ALA B 213 -4.49 22.92 -9.24
CA ALA B 213 -4.72 22.04 -10.42
C ALA B 213 -3.41 21.89 -11.21
N LYS B 214 -2.60 22.95 -11.32
CA LYS B 214 -1.25 22.89 -11.97
C LYS B 214 -0.38 21.89 -11.21
N GLU B 215 -0.36 22.00 -9.88
CA GLU B 215 0.42 21.11 -8.98
C GLU B 215 -0.05 19.67 -9.20
N ILE B 216 -1.36 19.45 -9.18
CA ILE B 216 -1.95 18.08 -9.35
C ILE B 216 -1.47 17.51 -10.68
N VAL B 217 -1.60 18.25 -11.77
CA VAL B 217 -1.21 17.69 -13.10
C VAL B 217 0.31 17.41 -13.11
N ASN B 218 1.13 18.31 -12.57
CA ASN B 218 2.61 18.12 -12.58
C ASN B 218 2.94 16.84 -11.81
N LYS B 219 2.32 16.64 -10.65
CA LYS B 219 2.68 15.52 -9.77
C LYS B 219 2.20 14.21 -10.41
N VAL B 220 0.99 14.15 -10.92
CA VAL B 220 0.47 12.89 -11.54
C VAL B 220 1.41 12.43 -12.64
N PHE B 221 1.83 13.33 -13.52
CA PHE B 221 2.73 12.94 -14.62
C PHE B 221 4.13 12.66 -14.11
N GLN B 222 4.64 13.35 -13.09
CA GLN B 222 6.00 13.05 -12.55
C GLN B 222 5.98 11.64 -11.95
N TRP B 223 4.96 11.34 -11.14
CA TRP B 223 4.88 9.98 -10.53
C TRP B 223 4.71 8.91 -11.58
N SER B 224 3.92 9.16 -12.63
CA SER B 224 3.72 8.20 -13.72
C SER B 224 5.04 7.99 -14.45
N THR B 225 5.79 9.06 -14.66
CA THR B 225 7.13 9.02 -15.31
C THR B 225 8.08 8.18 -14.48
N ASN B 226 8.02 8.29 -13.15
CA ASN B 226 8.85 7.49 -12.22
C ASN B 226 8.52 6.00 -12.42
N LEU B 227 7.22 5.66 -12.50
CA LEU B 227 6.76 4.28 -12.67
C LEU B 227 7.33 3.73 -13.97
N ILE B 228 7.26 4.52 -15.05
CA ILE B 228 7.66 4.06 -16.39
C ILE B 228 9.17 3.86 -16.42
N GLY B 229 9.94 4.70 -15.74
CA GLY B 229 11.39 4.49 -15.51
C GLY B 229 11.67 3.12 -14.90
N GLU B 230 10.89 2.71 -13.90
CA GLU B 230 11.09 1.40 -13.24
C GLU B 230 10.77 0.28 -14.21
N PHE B 231 9.72 0.40 -15.01
CA PHE B 231 9.35 -0.63 -15.99
C PHE B 231 10.52 -0.82 -16.97
N GLU B 232 11.07 0.29 -17.46
CA GLU B 232 12.20 0.23 -18.45
C GLU B 232 13.37 -0.48 -17.77
N ARG B 233 13.73 -0.11 -16.55
CA ARG B 233 14.85 -0.74 -15.81
C ARG B 233 14.57 -2.23 -15.61
N TYR B 234 13.32 -2.59 -15.33
CA TYR B 234 12.95 -4.00 -15.13
C TYR B 234 13.21 -4.80 -16.40
N VAL B 235 12.76 -4.31 -17.53
CA VAL B 235 12.99 -5.03 -18.80
C VAL B 235 14.48 -5.27 -19.00
N LYS B 236 15.30 -4.26 -18.78
CA LYS B 236 16.77 -4.38 -18.98
C LYS B 236 17.40 -5.35 -18.00
N ALA B 237 16.78 -5.61 -16.84
CA ALA B 237 17.34 -6.47 -15.78
C ALA B 237 16.80 -7.91 -15.91
N HIS B 238 15.83 -8.15 -16.81
CA HIS B 238 15.07 -9.42 -16.92
C HIS B 238 14.87 -9.77 -18.40
N ARG B 239 15.91 -9.59 -19.20
CA ARG B 239 15.77 -9.61 -20.69
C ARG B 239 15.42 -11.03 -21.17
N SER B 240 15.58 -12.04 -20.32
CA SER B 240 15.25 -13.47 -20.62
C SER B 240 13.80 -13.82 -20.30
N GLU B 241 13.13 -13.06 -19.42
CA GLU B 241 11.85 -13.51 -18.82
C GLU B 241 10.69 -13.09 -19.73
N LYS B 242 10.71 -13.49 -21.01
CA LYS B 242 9.67 -13.11 -22.00
C LYS B 242 8.35 -13.78 -21.61
N ALA B 243 7.21 -13.22 -22.03
CA ALA B 243 5.89 -13.85 -21.88
C ALA B 243 5.92 -15.22 -22.58
N GLN B 244 5.09 -16.14 -22.09
CA GLN B 244 4.98 -17.54 -22.58
C GLN B 244 3.52 -17.86 -22.77
N PRO B 245 2.86 -17.18 -23.74
CA PRO B 245 1.46 -17.46 -24.01
C PRO B 245 1.34 -18.84 -24.65
N THR B 246 0.13 -19.40 -24.66
CA THR B 246 -0.19 -20.70 -25.32
C THR B 246 -1.30 -20.49 -26.34
N ALA B 247 -1.14 -21.07 -27.54
CA ALA B 247 -2.16 -21.11 -28.62
C ALA B 247 -3.39 -21.86 -28.12
N ALA B 248 -4.59 -21.36 -28.44
CA ALA B 248 -5.90 -21.87 -27.96
C ALA B 248 -6.19 -23.24 -28.59
FE FE2 C . 8.68 -4.60 15.05
OXT 64X D . 6.16 -5.40 11.95
C 64X D . 6.73 -5.08 13.05
O 64X D . 7.95 -5.31 13.23
CA 64X D . 5.83 -4.54 14.20
N 64X D . 6.59 -4.42 15.45
CB 64X D . 5.30 -3.21 13.84
CG 64X D . 3.99 -2.71 14.51
CD2 64X D . 2.74 -3.27 14.40
CE3 64X D . 2.13 -4.42 13.82
CZ3 64X D . 0.69 -4.70 13.82
BR1 64X D . 0.16 -6.31 13.12
CH2 64X D . -0.01 -3.69 14.50
CZ2 64X D . 0.55 -2.54 15.04
CE2 64X D . 1.93 -2.37 15.01
NE1 64X D . 2.60 -1.35 15.47
CD1 64X D . 3.92 -1.53 15.16
NI NI E . 13.13 2.43 18.81
NI NI F . -8.65 -20.37 4.38
NI NI G . -4.69 16.21 5.65
C TRS H . 10.48 3.17 20.10
C1 TRS H . 10.54 4.68 20.21
C2 TRS H . 9.35 2.60 20.95
C3 TRS H . 10.26 2.72 18.64
N TRS H . 11.78 2.60 20.61
O1 TRS H . 11.18 5.07 21.41
O2 TRS H . 8.16 3.35 20.79
O3 TRS H . 11.32 3.03 17.75
C TRS I . -1.12 18.11 1.88
C1 TRS I . -0.78 16.99 0.91
C2 TRS I . 0.12 18.65 2.60
C3 TRS I . -1.88 19.22 1.17
N TRS I . -2.07 17.53 2.89
O1 TRS I . -1.93 16.20 0.69
O2 TRS I . -0.11 19.96 3.10
O3 TRS I . -3.08 19.48 1.87
FE FE2 J . -8.26 0.69 -16.61
OXT 64X K . -7.20 -0.38 -15.19
C 64X K . -6.06 -0.01 -14.95
O 64X K . -5.31 -0.60 -14.11
CA 64X K . -5.49 1.26 -15.64
N 64X K . -6.35 1.69 -16.78
CB 64X K . -5.41 2.39 -14.71
CG 64X K . -4.34 3.52 -14.89
CD2 64X K . -2.95 3.42 -14.89
CE3 64X K . -2.11 2.36 -14.88
CZ3 64X K . -0.70 2.57 -14.85
BR1 64X K . 0.57 1.12 -14.94
CH2 64X K . -0.27 3.89 -14.83
CZ2 64X K . -1.16 4.98 -14.87
CE2 64X K . -2.48 4.70 -14.92
NE1 64X K . -3.50 5.53 -14.88
CD1 64X K . -4.67 4.81 -14.87
NI NI L . -12.61 5.91 -16.07
NI NI M . 13.98 -9.81 -10.61
#